data_8T2R
#
_entry.id   8T2R
#
_cell.length_a   1.00
_cell.length_b   1.00
_cell.length_c   1.00
_cell.angle_alpha   90.00
_cell.angle_beta   90.00
_cell.angle_gamma   90.00
#
_symmetry.space_group_name_H-M   'P 1'
#
loop_
_entity.id
_entity.type
_entity.pdbx_description
1 polymer 'Group II intron reverse transcriptase/maturase'
2 polymer "5'exon"
3 polymer Intron
4 non-polymer 'CALCIUM ION'
5 non-polymer 'AMMONIUM ION'
#
loop_
_entity_poly.entity_id
_entity_poly.type
_entity_poly.pdbx_seq_one_letter_code
_entity_poly.pdbx_strand_id
1 'polypeptide(L)'
;MDTSNLMEQILSSDNLNRAYLQVVRNKGAEGVDGMKYTELKEHLAKNGETIKGQLRTRKYKPQPARRVEIPKPDGGVRNL
GVPTVTDRFIQQAIAQVLTPIYEEQFHDHSYGFRPNRCAQQAILTALNIMNDGNDWIVDIDLEKFFDTVNHDKLMTLIGR
TIKDGDVISIVRKYLVSGIMIDDEYEDSIVGTPQGGNLSPLLANIMLNELDKEMEKRGLNFVRYADDCIIMVGSEMSANR
VMRNISRFIEEKLGLKVNMTKSKVDRPSGLKYLGFGFYFDPRAHQFKAKPHAKSVAKFKKRMKELTCRSWGVSNSYKVEK
LNQLIRGWINYFKIGSMKTLCKELDSRIRYRLRMCIWKQWKTPQNQEKNLVKLGIDRNTARRVAYTGKRIAYVCNKGAVN
VAISNKRLASFGLISMLDYYIEKCVTC
;
D
2 'polyribonucleotide' UUUCUUU A
3 'polyribonucleotide'
;GUUUGCGCGCCAUGGGCGCGCUCUAACGGGUGUAAGUCCCGAACAUGCCCAGGUAGUGGGAAAUGUAUAGCCGAACAGCA
AGGGUGUCUACUGUGAGGUGGAAUCUGAAGGAAGCUGUAAGCGAAUCUCUGGUCCGACGGACAGAAAUCGCAUAUAAGGC
UAGGCUUCGAGUGAUAAGCUGGCAAAGAACAGUGAAGUCUAAUAACUACCACGUUUGUAGAAGCAGAGUAAAUGCGGCGG
AUAUAUGGAGAGAAAGAGCGUGCACCUUAAGCGUGGAGGUCUCACAGAGGUUUCAUUAGCCUAGUAACAACGAACUGUGA
GAAGUCAGCCGAGCCCAUAGUAGUGAAGAAGUCUCUGUAAUGGGGAUGGAGCGAAGGGGCGAACAAUCAAUCAGUUUGAG
UAUGUCUCGUAUUGCAGAAAUGACAACAUCUGCCGUAACCAAUCGGGUAAAAGGUGGUCAAAUCAAGCGAGACGGAAAGG
AAAGAACGCAUGGACACAAGUAAUCUAAUUUCGGUUAGAUUACUACAUCGAAAAGUGUGUUACUUGUUAAGUUGAUUGAA
CCGCCGUAUACGGAACCGUACGUACGGUGGUGUGAGAGGUCGGAAUUUCUCAAUUAAGAGAAAUUCUUCCUACUCGAUUG
AAU
;
B
#
# COMPACT_ATOMS: atom_id res chain seq x y z
N SER A 4 30.10 -16.82 14.55
CA SER A 4 30.86 -17.37 13.44
C SER A 4 30.85 -16.41 12.25
N ASN A 5 31.08 -16.94 11.05
CA ASN A 5 31.30 -16.15 9.84
C ASN A 5 30.06 -15.37 9.39
N LEU A 6 28.95 -16.06 9.13
CA LEU A 6 27.74 -15.36 8.71
C LEU A 6 27.12 -14.60 9.88
N MET A 7 27.41 -15.02 11.11
CA MET A 7 26.82 -14.35 12.25
C MET A 7 27.59 -13.05 12.54
N GLU A 8 28.88 -13.03 12.23
CA GLU A 8 29.62 -11.76 12.19
C GLU A 8 29.19 -10.91 11.01
N GLN A 9 28.76 -11.54 9.91
CA GLN A 9 28.14 -10.77 8.84
C GLN A 9 26.83 -10.14 9.29
N ILE A 10 26.11 -10.80 10.21
CA ILE A 10 24.95 -10.17 10.84
C ILE A 10 25.40 -8.99 11.69
N LEU A 11 26.43 -9.21 12.51
CA LEU A 11 26.82 -8.26 13.54
C LEU A 11 28.03 -7.41 13.16
N SER A 12 28.16 -7.04 11.90
CA SER A 12 29.20 -6.08 11.51
C SER A 12 28.85 -4.69 12.01
N SER A 13 29.87 -3.82 12.10
CA SER A 13 29.66 -2.48 12.62
C SER A 13 28.87 -1.62 11.64
N ASP A 14 29.23 -1.67 10.35
CA ASP A 14 28.51 -0.89 9.36
C ASP A 14 27.11 -1.44 9.14
N ASN A 15 26.94 -2.77 9.27
CA ASN A 15 25.62 -3.38 9.13
C ASN A 15 24.69 -2.99 10.28
N LEU A 16 25.22 -2.98 11.50
CA LEU A 16 24.42 -2.60 12.65
C LEU A 16 24.12 -1.10 12.65
N ASN A 17 25.07 -0.28 12.19
CA ASN A 17 24.81 1.15 12.06
C ASN A 17 23.77 1.43 10.98
N ARG A 18 23.81 0.67 9.89
CA ARG A 18 22.79 0.78 8.84
C ARG A 18 21.43 0.34 9.36
N ALA A 19 21.39 -0.71 10.19
CA ALA A 19 20.13 -1.15 10.80
C ALA A 19 19.57 -0.10 11.75
N TYR A 20 20.44 0.54 12.54
CA TYR A 20 19.98 1.60 13.44
C TYR A 20 19.47 2.80 12.67
N LEU A 21 20.17 3.18 11.60
CA LEU A 21 19.70 4.30 10.77
C LEU A 21 18.39 3.96 10.08
N GLN A 22 18.22 2.71 9.65
CA GLN A 22 17.00 2.31 8.95
C GLN A 22 15.82 2.29 9.91
N VAL A 23 16.02 1.84 11.15
CA VAL A 23 14.91 1.84 12.10
C VAL A 23 14.66 3.25 12.63
N VAL A 24 15.64 4.16 12.52
CA VAL A 24 15.37 5.58 12.74
C VAL A 24 14.47 6.13 11.63
N ARG A 25 14.78 5.76 10.38
CA ARG A 25 13.98 6.22 9.24
C ARG A 25 12.56 5.65 9.27
N ASN A 26 12.38 4.48 9.90
CA ASN A 26 11.03 3.94 10.06
C ASN A 26 10.18 4.73 11.05
N LYS A 27 10.81 5.35 12.05
CA LYS A 27 10.14 6.19 13.07
C LYS A 27 9.04 5.44 13.80
N GLY A 28 9.34 4.21 14.21
CA GLY A 28 8.35 3.34 14.80
C GLY A 28 7.99 3.68 16.24
N ALA A 29 7.09 2.91 16.84
CA ALA A 29 6.62 3.14 18.19
C ALA A 29 7.23 2.12 19.15
N GLU A 30 6.81 2.21 20.41
CA GLU A 30 7.29 1.33 21.46
C GLU A 30 6.77 -0.09 21.29
N GLY A 31 7.45 -1.07 21.88
CA GLY A 31 7.02 -2.44 21.80
C GLY A 31 6.09 -2.85 22.91
N VAL A 32 6.49 -3.84 23.70
CA VAL A 32 5.68 -4.31 24.81
C VAL A 32 6.13 -3.72 26.15
N ASP A 33 7.32 -3.12 26.20
CA ASP A 33 7.84 -2.59 27.45
C ASP A 33 7.92 -1.06 27.49
N GLY A 34 8.15 -0.41 26.34
CA GLY A 34 8.12 1.04 26.29
C GLY A 34 9.48 1.70 26.24
N MET A 35 9.92 2.06 25.03
CA MET A 35 11.17 2.79 24.83
C MET A 35 11.11 3.59 23.53
N LYS A 36 12.14 4.38 23.27
CA LYS A 36 12.23 5.23 22.09
C LYS A 36 13.40 4.78 21.21
N TYR A 37 13.46 5.35 20.00
CA TYR A 37 14.59 5.09 19.11
C TYR A 37 15.84 5.86 19.54
N THR A 38 15.68 7.02 20.17
CA THR A 38 16.81 7.63 20.86
C THR A 38 17.17 6.85 22.12
N GLU A 39 16.17 6.25 22.77
CA GLU A 39 16.45 5.31 23.85
C GLU A 39 17.12 4.06 23.32
N LEU A 40 16.78 3.64 22.08
CA LEU A 40 17.52 2.59 21.39
C LEU A 40 18.97 3.02 21.14
N LYS A 41 19.20 4.30 20.85
CA LYS A 41 20.55 4.78 20.61
C LYS A 41 21.39 4.73 21.88
N GLU A 42 20.84 5.17 23.01
CA GLU A 42 21.61 5.05 24.24
C GLU A 42 21.70 3.60 24.72
N HIS A 43 20.73 2.76 24.33
CA HIS A 43 20.79 1.32 24.62
C HIS A 43 21.92 0.65 23.86
N LEU A 44 22.11 0.98 22.59
CA LEU A 44 23.24 0.42 21.84
C LEU A 44 24.55 1.06 22.28
N ALA A 45 24.49 2.28 22.80
CA ALA A 45 25.69 2.91 23.34
C ALA A 45 26.17 2.20 24.60
N LYS A 46 25.25 1.81 25.48
CA LYS A 46 25.69 1.22 26.74
C LYS A 46 25.73 -0.31 26.69
N ASN A 47 24.84 -0.93 25.91
CA ASN A 47 24.59 -2.37 26.03
C ASN A 47 24.64 -3.10 24.70
N GLY A 48 25.30 -2.53 23.69
CA GLY A 48 25.38 -3.19 22.39
C GLY A 48 26.24 -4.44 22.41
N GLU A 49 27.32 -4.41 23.18
CA GLU A 49 28.26 -5.53 23.21
C GLU A 49 27.65 -6.75 23.88
N THR A 50 26.81 -6.53 24.90
CA THR A 50 26.10 -7.63 25.53
C THR A 50 25.11 -8.28 24.58
N ILE A 51 24.43 -7.46 23.75
CA ILE A 51 23.49 -7.97 22.76
C ILE A 51 24.23 -8.79 21.71
N LYS A 52 25.38 -8.30 21.24
CA LYS A 52 26.17 -9.04 20.27
C LYS A 52 26.72 -10.34 20.86
N GLY A 53 27.10 -10.31 22.14
CA GLY A 53 27.55 -11.53 22.80
C GLY A 53 26.44 -12.56 22.97
N GLN A 54 25.23 -12.11 23.30
CA GLN A 54 24.11 -13.03 23.45
C GLN A 54 23.68 -13.61 22.11
N LEU A 55 23.73 -12.81 21.04
CA LEU A 55 23.44 -13.33 19.71
C LEU A 55 24.48 -14.34 19.25
N ARG A 56 25.76 -14.08 19.55
CA ARG A 56 26.79 -15.04 19.17
C ARG A 56 26.72 -16.30 20.03
N THR A 57 26.29 -16.18 21.27
CA THR A 57 26.30 -17.29 22.22
C THR A 57 24.93 -17.92 22.42
N ARG A 58 23.94 -17.57 21.60
CA ARG A 58 22.66 -18.28 21.48
C ARG A 58 21.85 -18.24 22.77
N LYS A 59 21.86 -17.08 23.44
CA LYS A 59 21.20 -16.93 24.73
C LYS A 59 20.15 -15.82 24.74
N TYR A 60 20.02 -15.05 23.67
CA TYR A 60 19.07 -13.94 23.65
C TYR A 60 17.66 -14.50 23.53
N LYS A 61 16.76 -13.91 24.32
CA LYS A 61 15.36 -14.26 24.37
C LYS A 61 14.54 -13.11 23.82
N PRO A 62 13.52 -13.38 23.02
CA PRO A 62 12.73 -12.30 22.44
C PRO A 62 11.72 -11.70 23.41
N GLN A 63 10.97 -10.70 22.95
CA GLN A 63 9.93 -10.07 23.75
C GLN A 63 8.70 -9.88 22.87
N PRO A 64 7.48 -9.94 23.43
CA PRO A 64 6.26 -9.84 22.60
C PRO A 64 5.99 -8.45 22.03
N GLY A 81 -0.25 -5.92 17.05
CA GLY A 81 1.02 -6.39 17.59
C GLY A 81 2.20 -5.59 17.09
N VAL A 82 3.23 -5.47 17.93
CA VAL A 82 4.44 -4.72 17.60
C VAL A 82 5.59 -5.26 18.43
N PRO A 83 6.75 -5.54 17.82
CA PRO A 83 7.90 -5.99 18.60
C PRO A 83 8.58 -4.83 19.32
N THR A 84 9.37 -5.18 20.34
CA THR A 84 10.17 -4.19 21.02
C THR A 84 11.30 -3.70 20.11
N VAL A 85 11.79 -2.49 20.38
CA VAL A 85 12.60 -1.79 19.38
C VAL A 85 14.00 -2.38 19.27
N THR A 86 14.48 -3.02 20.34
CA THR A 86 15.75 -3.75 20.21
C THR A 86 15.57 -4.99 19.35
N ASP A 87 14.41 -5.64 19.44
CA ASP A 87 14.13 -6.75 18.54
C ASP A 87 13.87 -6.28 17.12
N ARG A 88 13.31 -5.08 16.95
CA ARG A 88 13.14 -4.51 15.62
C ARG A 88 14.50 -4.21 14.99
N PHE A 89 15.44 -3.71 15.79
CA PHE A 89 16.79 -3.45 15.30
C PHE A 89 17.53 -4.74 14.96
N ILE A 90 17.41 -5.77 15.79
CA ILE A 90 18.03 -7.06 15.52
C ILE A 90 17.43 -7.70 14.26
N GLN A 91 16.10 -7.63 14.14
CA GLN A 91 15.40 -8.17 12.97
C GLN A 91 15.80 -7.42 11.70
N GLN A 92 16.02 -6.11 11.81
CA GLN A 92 16.48 -5.35 10.66
C GLN A 92 17.89 -5.77 10.24
N ALA A 93 18.76 -6.05 11.22
CA ALA A 93 20.09 -6.55 10.90
C ALA A 93 20.04 -7.90 10.19
N ILE A 94 19.19 -8.81 10.69
CA ILE A 94 19.04 -10.13 10.08
C ILE A 94 18.43 -10.03 8.69
N ALA A 95 17.49 -9.09 8.50
CA ALA A 95 16.92 -8.87 7.18
C ALA A 95 17.94 -8.31 6.20
N GLN A 96 18.80 -7.40 6.66
CA GLN A 96 19.77 -6.80 5.77
C GLN A 96 20.96 -7.69 5.48
N VAL A 97 21.16 -8.77 6.23
CA VAL A 97 22.11 -9.76 5.73
C VAL A 97 21.40 -10.81 4.87
N LEU A 98 20.15 -11.16 5.19
CA LEU A 98 19.50 -12.28 4.53
C LEU A 98 18.71 -11.89 3.28
N THR A 99 18.63 -10.60 2.92
CA THR A 99 18.06 -10.25 1.62
C THR A 99 18.97 -10.64 0.45
N PRO A 100 20.32 -10.70 0.62
CA PRO A 100 21.13 -11.58 -0.26
C PRO A 100 20.81 -13.06 -0.14
N ILE A 101 21.67 -13.97 -0.61
CA ILE A 101 21.39 -15.09 -1.53
C ILE A 101 19.93 -15.48 -1.77
N TYR A 102 19.06 -15.42 -0.75
CA TYR A 102 17.61 -15.48 -0.92
C TYR A 102 17.08 -14.61 -2.05
N GLU A 103 17.52 -13.35 -2.14
CA GLU A 103 17.04 -12.48 -3.23
C GLU A 103 17.55 -12.92 -4.58
N GLU A 104 18.74 -13.53 -4.65
CA GLU A 104 19.17 -14.18 -5.88
C GLU A 104 18.30 -15.38 -6.21
N GLN A 105 17.84 -16.10 -5.19
CA GLN A 105 17.08 -17.33 -5.37
C GLN A 105 15.60 -17.09 -5.71
N PHE A 106 15.07 -15.93 -5.34
CA PHE A 106 13.65 -15.64 -5.51
C PHE A 106 13.28 -15.53 -6.98
N HIS A 107 11.98 -15.63 -7.25
CA HIS A 107 11.50 -15.58 -8.63
C HIS A 107 11.47 -14.14 -9.13
N ASP A 108 11.37 -14.01 -10.45
CA ASP A 108 11.24 -12.71 -11.11
C ASP A 108 9.85 -12.12 -10.97
N HIS A 109 8.83 -12.94 -10.69
CA HIS A 109 7.47 -12.46 -10.56
C HIS A 109 7.02 -12.33 -9.10
N SER A 110 7.94 -12.44 -8.15
CA SER A 110 7.63 -12.18 -6.74
C SER A 110 7.84 -10.69 -6.50
N TYR A 111 6.76 -9.94 -6.61
CA TYR A 111 6.84 -8.48 -6.65
C TYR A 111 6.53 -7.83 -5.31
N GLY A 112 6.69 -8.51 -4.21
CA GLY A 112 6.24 -8.00 -2.93
C GLY A 112 7.30 -8.05 -1.87
N PHE A 113 7.43 -6.93 -1.15
CA PHE A 113 8.29 -6.78 0.03
C PHE A 113 9.75 -7.10 -0.27
N ARG A 114 10.19 -6.66 -1.43
CA ARG A 114 11.54 -6.88 -1.92
C ARG A 114 12.12 -5.54 -2.31
N PRO A 115 13.45 -5.40 -2.32
CA PRO A 115 14.05 -4.13 -2.78
C PRO A 115 13.80 -3.88 -4.26
N ASN A 116 13.54 -2.60 -4.58
CA ASN A 116 13.36 -2.04 -5.94
C ASN A 116 12.16 -2.64 -6.70
N ARG A 117 11.28 -3.37 -6.00
CA ARG A 117 10.08 -3.92 -6.58
C ARG A 117 8.86 -3.32 -5.89
N CYS A 118 7.86 -2.96 -6.68
CA CYS A 118 6.64 -2.35 -6.15
C CYS A 118 5.44 -2.97 -6.84
N ALA A 119 4.25 -2.53 -6.41
CA ALA A 119 3.00 -3.16 -6.84
C ALA A 119 2.67 -2.85 -8.29
N GLN A 120 3.14 -1.69 -8.78
CA GLN A 120 2.85 -1.30 -10.16
C GLN A 120 3.55 -2.22 -11.15
N GLN A 121 4.73 -2.73 -10.79
CA GLN A 121 5.39 -3.71 -11.63
C GLN A 121 4.61 -5.02 -11.68
N ALA A 122 3.98 -5.38 -10.56
CA ALA A 122 3.13 -6.56 -10.52
C ALA A 122 1.92 -6.41 -11.42
N ILE A 123 1.30 -5.23 -11.41
CA ILE A 123 0.13 -5.00 -12.25
C ILE A 123 0.50 -4.95 -13.72
N LEU A 124 1.65 -4.34 -14.04
CA LEU A 124 2.14 -4.34 -15.41
C LEU A 124 2.48 -5.73 -15.92
N THR A 125 3.06 -6.59 -15.07
CA THR A 125 3.34 -7.96 -15.48
C THR A 125 2.05 -8.75 -15.65
N ALA A 126 1.07 -8.49 -14.78
CA ALA A 126 -0.24 -9.13 -14.92
C ALA A 126 -0.94 -8.70 -16.20
N LEU A 127 -0.81 -7.43 -16.58
CA LEU A 127 -1.39 -6.96 -17.84
C LEU A 127 -0.67 -7.53 -19.05
N ASN A 128 0.65 -7.71 -18.96
CA ASN A 128 1.40 -8.32 -20.04
C ASN A 128 0.97 -9.76 -20.25
N ILE A 129 0.79 -10.51 -19.16
CA ILE A 129 0.40 -11.91 -19.31
C ILE A 129 -1.08 -12.02 -19.72
N MET A 130 -1.91 -11.08 -19.26
CA MET A 130 -3.32 -11.06 -19.66
C MET A 130 -3.47 -10.77 -21.14
N ASN A 131 -2.68 -9.84 -21.66
CA ASN A 131 -2.69 -9.56 -23.09
C ASN A 131 -1.98 -10.63 -23.91
N ASP A 132 -1.18 -11.47 -23.25
CA ASP A 132 -0.49 -12.55 -23.95
C ASP A 132 -1.43 -13.68 -24.37
N GLY A 133 -2.67 -13.70 -23.91
CA GLY A 133 -3.64 -14.73 -24.27
C GLY A 133 -4.25 -15.43 -23.08
N ASN A 134 -3.69 -15.25 -21.90
CA ASN A 134 -4.19 -15.90 -20.69
C ASN A 134 -5.21 -15.02 -19.99
N ASP A 135 -6.50 -15.28 -20.24
CA ASP A 135 -7.53 -14.50 -19.58
C ASP A 135 -7.89 -15.03 -18.21
N TRP A 136 -8.08 -16.34 -18.10
CA TRP A 136 -8.72 -16.90 -16.90
C TRP A 136 -7.80 -16.85 -15.69
N ILE A 137 -8.36 -16.36 -14.58
CA ILE A 137 -7.60 -15.98 -13.40
C ILE A 137 -7.91 -16.99 -12.31
N VAL A 138 -6.85 -17.54 -11.71
CA VAL A 138 -6.99 -18.30 -10.47
C VAL A 138 -6.56 -17.35 -9.36
N ASP A 139 -7.52 -16.62 -8.81
CA ASP A 139 -7.25 -15.88 -7.59
C ASP A 139 -7.17 -16.87 -6.44
N ILE A 140 -6.15 -16.75 -5.61
CA ILE A 140 -5.94 -17.66 -4.49
C ILE A 140 -5.72 -16.81 -3.24
N ASP A 141 -6.51 -17.08 -2.21
CA ASP A 141 -6.44 -16.33 -0.97
C ASP A 141 -5.90 -17.22 0.13
N LEU A 142 -4.66 -16.97 0.54
CA LEU A 142 -4.04 -17.67 1.65
C LEU A 142 -4.39 -16.93 2.93
N GLU A 143 -5.19 -17.57 3.78
CA GLU A 143 -5.72 -16.93 4.97
C GLU A 143 -4.71 -17.00 6.11
N LYS A 144 -4.44 -15.82 6.70
CA LYS A 144 -3.69 -15.63 7.96
C LYS A 144 -2.39 -16.41 8.00
N PHE A 145 -1.44 -16.03 7.13
CA PHE A 145 -0.30 -16.88 6.81
C PHE A 145 0.62 -17.11 8.01
N PHE A 146 0.94 -16.05 8.75
CA PHE A 146 2.06 -16.13 9.68
C PHE A 146 1.74 -16.91 10.95
N ASP A 147 0.48 -17.22 11.22
CA ASP A 147 0.17 -18.14 12.30
C ASP A 147 -0.13 -19.54 11.80
N THR A 148 -0.60 -19.66 10.56
CA THR A 148 -1.01 -20.95 10.01
C THR A 148 0.18 -21.83 9.68
N VAL A 149 1.33 -21.23 9.32
CA VAL A 149 2.45 -22.00 8.81
C VAL A 149 3.12 -22.82 9.93
N ASN A 150 3.54 -24.02 9.58
CA ASN A 150 4.27 -24.89 10.48
C ASN A 150 5.70 -24.41 10.57
N HIS A 151 6.22 -24.28 11.79
CA HIS A 151 7.53 -23.67 12.00
C HIS A 151 8.66 -24.56 11.49
N ASP A 152 8.50 -25.88 11.62
CA ASP A 152 9.58 -26.80 11.29
C ASP A 152 9.88 -26.82 9.80
N LYS A 153 8.83 -26.71 8.97
CA LYS A 153 9.03 -26.66 7.52
C LYS A 153 9.77 -25.40 7.10
N LEU A 154 9.39 -24.26 7.68
CA LEU A 154 10.04 -22.99 7.37
C LEU A 154 11.50 -22.99 7.81
N MET A 155 11.78 -23.57 8.98
CA MET A 155 13.17 -23.60 9.43
C MET A 155 13.99 -24.63 8.66
N THR A 156 13.36 -25.68 8.11
CA THR A 156 14.14 -26.56 7.25
C THR A 156 14.40 -25.93 5.90
N LEU A 157 13.51 -25.06 5.43
CA LEU A 157 13.81 -24.29 4.23
C LEU A 157 15.01 -23.37 4.46
N ILE A 158 14.99 -22.65 5.59
CA ILE A 158 16.07 -21.75 5.97
C ILE A 158 17.38 -22.52 6.16
N GLY A 159 17.30 -23.70 6.77
CA GLY A 159 18.47 -24.54 6.90
C GLY A 159 18.90 -25.19 5.61
N ARG A 160 17.98 -25.29 4.64
CA ARG A 160 18.34 -25.81 3.33
C ARG A 160 19.08 -24.79 2.50
N THR A 161 18.97 -23.50 2.81
CA THR A 161 19.82 -22.53 2.11
C THR A 161 21.06 -22.10 2.90
N ILE A 162 20.95 -21.88 4.22
CA ILE A 162 22.09 -21.44 5.02
C ILE A 162 22.39 -22.50 6.07
N LYS A 163 23.65 -22.61 6.45
CA LYS A 163 24.11 -23.68 7.34
C LYS A 163 24.71 -23.15 8.64
N ASP A 164 24.53 -21.88 8.96
CA ASP A 164 24.95 -21.32 10.24
C ASP A 164 23.82 -21.57 11.23
N GLY A 165 24.14 -22.23 12.35
CA GLY A 165 23.09 -22.64 13.27
C GLY A 165 22.54 -21.50 14.10
N ASP A 166 23.33 -20.46 14.33
CA ASP A 166 22.93 -19.39 15.24
C ASP A 166 21.87 -18.47 14.64
N VAL A 167 21.97 -18.17 13.34
CA VAL A 167 20.96 -17.36 12.68
C VAL A 167 19.64 -18.14 12.59
N ILE A 168 19.74 -19.45 12.36
CA ILE A 168 18.58 -20.34 12.44
C ILE A 168 17.96 -20.32 13.83
N SER A 169 18.81 -20.28 14.86
CA SER A 169 18.34 -20.24 16.24
C SER A 169 17.58 -18.96 16.53
N ILE A 170 18.12 -17.81 16.13
CA ILE A 170 17.47 -16.55 16.48
C ILE A 170 16.20 -16.34 15.65
N VAL A 171 16.19 -16.80 14.39
CA VAL A 171 14.96 -16.71 13.58
C VAL A 171 13.88 -17.64 14.13
N ARG A 172 14.27 -18.83 14.61
CA ARG A 172 13.29 -19.74 15.21
C ARG A 172 12.74 -19.18 16.51
N LYS A 173 13.60 -18.56 17.34
CA LYS A 173 13.12 -17.90 18.56
C LYS A 173 12.22 -16.72 18.24
N TYR A 174 12.44 -16.06 17.12
CA TYR A 174 11.53 -14.99 16.71
C TYR A 174 10.19 -15.55 16.25
N LEU A 175 10.21 -16.72 15.59
CA LEU A 175 8.94 -17.32 15.17
C LEU A 175 8.16 -17.92 16.33
N VAL A 176 8.85 -18.32 17.41
CA VAL A 176 8.15 -18.69 18.64
C VAL A 176 7.55 -17.47 19.33
N SER A 177 8.19 -16.31 19.23
CA SER A 177 7.70 -15.08 19.86
C SER A 177 6.37 -14.61 19.30
N GLY A 196 7.70 -6.18 12.30
CA GLY A 196 9.10 -6.41 11.98
C GLY A 196 9.39 -6.38 10.49
N ASN A 197 10.67 -6.32 10.14
CA ASN A 197 11.10 -6.33 8.75
C ASN A 197 11.61 -7.71 8.33
N LEU A 198 11.64 -8.67 9.25
CA LEU A 198 12.00 -10.04 8.95
C LEU A 198 10.81 -10.89 8.52
N SER A 199 9.62 -10.62 9.05
CA SER A 199 8.44 -11.39 8.68
C SER A 199 8.03 -11.29 7.20
N PRO A 200 8.09 -10.13 6.52
CA PRO A 200 7.94 -10.15 5.06
C PRO A 200 8.92 -11.03 4.32
N LEU A 201 10.19 -11.07 4.76
CA LEU A 201 11.15 -11.93 4.11
C LEU A 201 10.84 -13.41 4.36
N LEU A 202 10.38 -13.75 5.57
CA LEU A 202 9.99 -15.12 5.85
C LEU A 202 8.79 -15.56 5.02
N ALA A 203 7.83 -14.65 4.83
CA ALA A 203 6.71 -14.91 3.93
C ALA A 203 7.17 -15.13 2.51
N ASN A 204 8.14 -14.34 2.05
CA ASN A 204 8.67 -14.51 0.71
C ASN A 204 9.43 -15.83 0.56
N ILE A 205 10.06 -16.34 1.62
CA ILE A 205 10.70 -17.66 1.54
C ILE A 205 9.65 -18.75 1.37
N MET A 206 8.65 -18.75 2.25
CA MET A 206 7.66 -19.82 2.28
C MET A 206 6.79 -19.80 1.04
N LEU A 207 6.67 -18.64 0.39
CA LEU A 207 5.91 -18.58 -0.84
C LEU A 207 6.82 -18.67 -2.07
N ASN A 208 8.13 -18.49 -1.87
CA ASN A 208 9.09 -18.78 -2.93
C ASN A 208 9.12 -20.25 -3.24
N GLU A 209 8.83 -21.08 -2.22
CA GLU A 209 8.61 -22.51 -2.50
C GLU A 209 7.46 -22.72 -3.49
N LEU A 210 6.36 -21.98 -3.31
CA LEU A 210 5.23 -22.06 -4.23
C LEU A 210 5.60 -21.53 -5.62
N ASP A 211 6.40 -20.47 -5.67
CA ASP A 211 6.83 -19.91 -6.96
C ASP A 211 7.73 -20.87 -7.72
N LYS A 212 8.60 -21.58 -7.00
CA LYS A 212 9.44 -22.59 -7.64
C LYS A 212 8.61 -23.74 -8.18
N GLU A 213 7.58 -24.16 -7.43
CA GLU A 213 6.67 -25.20 -7.93
C GLU A 213 5.89 -24.73 -9.16
N MET A 214 5.38 -23.51 -9.14
CA MET A 214 4.58 -23.00 -10.24
C MET A 214 5.43 -22.66 -11.46
N GLU A 215 6.72 -22.44 -11.29
CA GLU A 215 7.61 -22.40 -12.44
C GLU A 215 7.92 -23.79 -12.95
N LYS A 216 7.93 -24.78 -12.05
CA LYS A 216 8.15 -26.17 -12.48
C LYS A 216 6.98 -26.69 -13.31
N ARG A 217 5.74 -26.34 -12.92
CA ARG A 217 4.58 -26.81 -13.65
C ARG A 217 4.44 -26.15 -15.01
N GLY A 218 4.88 -24.91 -15.13
CA GLY A 218 4.74 -24.16 -16.35
C GLY A 218 3.67 -23.10 -16.33
N LEU A 219 3.27 -22.61 -15.16
CA LEU A 219 2.19 -21.67 -15.04
C LEU A 219 2.70 -20.24 -15.07
N ASN A 220 1.92 -19.36 -15.68
CA ASN A 220 2.18 -17.93 -15.64
C ASN A 220 1.45 -17.34 -14.45
N PHE A 221 2.11 -16.47 -13.71
CA PHE A 221 1.50 -15.92 -12.50
C PHE A 221 2.13 -14.58 -12.16
N VAL A 222 1.44 -13.86 -11.29
CA VAL A 222 1.97 -12.64 -10.68
C VAL A 222 1.66 -12.73 -9.20
N ARG A 223 2.68 -12.60 -8.35
CA ARG A 223 2.53 -12.82 -6.92
C ARG A 223 3.10 -11.63 -6.16
N TYR A 224 2.21 -10.80 -5.61
CA TYR A 224 2.61 -9.96 -4.49
C TYR A 224 2.58 -10.81 -3.23
N ALA A 225 3.13 -10.29 -2.14
CA ALA A 225 3.27 -11.06 -0.90
C ALA A 225 1.92 -11.50 -0.34
N ASP A 226 1.70 -12.81 -0.33
CA ASP A 226 0.46 -13.59 -0.09
C ASP A 226 -0.74 -13.16 -0.94
N ASP A 227 -0.52 -12.50 -2.07
CA ASP A 227 -1.55 -12.18 -3.06
C ASP A 227 -1.07 -12.71 -4.40
N CYS A 228 -1.37 -13.97 -4.67
CA CYS A 228 -0.91 -14.63 -5.88
C CYS A 228 -2.08 -14.86 -6.82
N ILE A 229 -1.93 -14.47 -8.08
CA ILE A 229 -2.92 -14.81 -9.10
C ILE A 229 -2.22 -15.54 -10.24
N ILE A 230 -2.86 -16.59 -10.72
CA ILE A 230 -2.35 -17.46 -11.76
C ILE A 230 -3.19 -17.23 -13.00
N MET A 231 -2.59 -17.40 -14.18
CA MET A 231 -3.27 -17.04 -15.42
C MET A 231 -3.30 -18.26 -16.34
N VAL A 232 -4.52 -18.75 -16.60
CA VAL A 232 -4.77 -20.00 -17.31
C VAL A 232 -5.51 -19.68 -18.59
N GLY A 233 -5.33 -20.52 -19.62
CA GLY A 233 -5.94 -20.24 -20.91
C GLY A 233 -7.45 -20.47 -20.94
N SER A 234 -7.91 -21.54 -20.32
CA SER A 234 -9.32 -21.95 -20.39
C SER A 234 -9.88 -22.15 -18.99
N GLU A 235 -11.20 -22.11 -18.87
CA GLU A 235 -11.81 -21.99 -17.55
C GLU A 235 -11.81 -23.31 -16.78
N MET A 236 -12.00 -24.45 -17.46
CA MET A 236 -11.98 -25.70 -16.72
C MET A 236 -10.55 -26.07 -16.34
N SER A 237 -9.60 -25.70 -17.19
CA SER A 237 -8.19 -25.81 -16.82
C SER A 237 -7.83 -24.87 -15.68
N ALA A 238 -8.51 -23.72 -15.60
CA ALA A 238 -8.31 -22.85 -14.45
C ALA A 238 -8.89 -23.46 -13.19
N ASN A 239 -10.03 -24.15 -13.29
CA ASN A 239 -10.56 -24.89 -12.14
C ASN A 239 -9.62 -26.00 -11.72
N ARG A 240 -9.03 -26.71 -12.70
CA ARG A 240 -8.11 -27.80 -12.38
C ARG A 240 -6.82 -27.27 -11.75
N VAL A 241 -6.33 -26.13 -12.24
CA VAL A 241 -5.14 -25.50 -11.66
C VAL A 241 -5.44 -25.01 -10.26
N MET A 242 -6.65 -24.48 -10.02
CA MET A 242 -7.05 -24.06 -8.70
C MET A 242 -7.10 -25.25 -7.74
N ARG A 243 -7.68 -26.36 -8.17
CA ARG A 243 -7.75 -27.57 -7.36
C ARG A 243 -6.36 -28.15 -7.05
N ASN A 244 -5.50 -28.21 -8.07
CA ASN A 244 -4.18 -28.82 -7.86
C ASN A 244 -3.25 -27.92 -7.05
N ILE A 245 -3.29 -26.61 -7.27
CA ILE A 245 -2.44 -25.72 -6.49
C ILE A 245 -2.97 -25.61 -5.06
N SER A 246 -4.29 -25.67 -4.86
CA SER A 246 -4.82 -25.71 -3.50
C SER A 246 -4.43 -27.00 -2.78
N ARG A 247 -4.43 -28.13 -3.51
CA ARG A 247 -3.94 -29.39 -2.94
C ARG A 247 -2.47 -29.32 -2.57
N PHE A 248 -1.65 -28.71 -3.45
CA PHE A 248 -0.22 -28.58 -3.19
C PHE A 248 0.03 -27.67 -1.99
N ILE A 249 -0.69 -26.56 -1.89
CA ILE A 249 -0.48 -25.61 -0.80
C ILE A 249 -0.95 -26.22 0.52
N GLU A 250 -2.08 -26.93 0.51
CA GLU A 250 -2.58 -27.53 1.74
C GLU A 250 -1.78 -28.76 2.13
N GLU A 251 -1.05 -29.37 1.19
CA GLU A 251 -0.32 -30.59 1.52
C GLU A 251 1.17 -30.33 1.74
N LYS A 252 1.82 -29.62 0.82
CA LYS A 252 3.27 -29.48 0.88
C LYS A 252 3.70 -28.29 1.74
N LEU A 253 3.13 -27.11 1.49
CA LEU A 253 3.44 -25.96 2.34
C LEU A 253 2.78 -26.07 3.70
N GLY A 254 1.71 -26.84 3.82
CA GLY A 254 0.99 -26.93 5.08
C GLY A 254 0.23 -25.68 5.43
N LEU A 255 -0.25 -24.95 4.42
CA LEU A 255 -1.03 -23.74 4.64
C LEU A 255 -2.51 -23.99 4.43
N LYS A 256 -3.32 -23.01 4.82
CA LYS A 256 -4.76 -23.11 4.71
C LYS A 256 -5.26 -22.15 3.65
N VAL A 257 -6.03 -22.67 2.69
CA VAL A 257 -6.56 -21.90 1.59
C VAL A 257 -8.00 -21.51 1.92
N ASN A 258 -8.27 -20.21 1.98
CA ASN A 258 -9.61 -19.72 2.27
C ASN A 258 -10.48 -19.93 1.04
N MET A 259 -11.20 -21.06 0.99
CA MET A 259 -11.98 -21.45 -0.17
C MET A 259 -13.19 -20.54 -0.42
N THR A 260 -13.63 -19.80 0.60
CA THR A 260 -14.71 -18.82 0.44
C THR A 260 -14.31 -17.68 -0.50
N LYS A 261 -13.11 -17.14 -0.35
CA LYS A 261 -12.65 -16.04 -1.17
C LYS A 261 -11.83 -16.48 -2.38
N SER A 262 -11.28 -17.69 -2.36
CA SER A 262 -10.46 -18.17 -3.46
C SER A 262 -11.37 -18.58 -4.62
N LYS A 263 -11.26 -17.87 -5.74
CA LYS A 263 -12.23 -18.02 -6.81
C LYS A 263 -11.53 -18.06 -8.16
N VAL A 264 -12.19 -18.69 -9.12
CA VAL A 264 -11.74 -18.67 -10.51
C VAL A 264 -12.48 -17.57 -11.24
N ASP A 265 -11.74 -16.66 -11.85
CA ASP A 265 -12.36 -15.53 -12.53
C ASP A 265 -11.75 -15.35 -13.92
N ARG A 266 -12.20 -14.37 -14.54
CA ARG A 266 -12.07 -13.54 -15.72
C ARG A 266 -11.69 -12.13 -15.26
N PRO A 267 -10.80 -11.41 -15.96
CA PRO A 267 -10.28 -10.15 -15.42
C PRO A 267 -11.26 -8.99 -15.43
N SER A 268 -12.42 -9.17 -14.84
CA SER A 268 -13.36 -8.09 -14.63
C SER A 268 -13.89 -8.03 -13.21
N GLY A 269 -14.04 -9.16 -12.53
CA GLY A 269 -14.39 -9.18 -11.12
C GLY A 269 -13.16 -9.45 -10.29
N LEU A 270 -12.00 -9.09 -10.84
CA LEU A 270 -10.71 -9.34 -10.22
C LEU A 270 -10.23 -8.10 -9.47
N LYS A 271 -10.18 -8.18 -8.16
CA LYS A 271 -9.53 -7.17 -7.35
C LYS A 271 -8.17 -7.71 -6.97
N TYR A 272 -7.13 -6.96 -7.30
CA TYR A 272 -5.76 -7.36 -7.05
C TYR A 272 -4.95 -6.10 -6.82
N LEU A 273 -4.39 -5.96 -5.61
CA LEU A 273 -3.54 -4.87 -5.18
C LEU A 273 -4.22 -3.51 -5.26
N GLY A 274 -5.53 -3.46 -5.23
CA GLY A 274 -6.28 -2.23 -5.40
C GLY A 274 -6.71 -1.95 -6.82
N PHE A 275 -6.24 -2.72 -7.78
CA PHE A 275 -6.56 -2.53 -9.19
C PHE A 275 -7.62 -3.53 -9.64
N GLY A 276 -8.62 -3.03 -10.36
CA GLY A 276 -9.49 -3.85 -11.16
C GLY A 276 -8.99 -3.84 -12.60
N PHE A 277 -9.55 -4.72 -13.40
CA PHE A 277 -9.11 -4.87 -14.78
C PHE A 277 -10.33 -4.81 -15.69
N TYR A 278 -10.11 -4.41 -16.94
CA TYR A 278 -11.18 -4.34 -17.90
C TYR A 278 -10.63 -4.62 -19.29
N PHE A 279 -11.54 -4.78 -20.25
CA PHE A 279 -11.20 -5.02 -21.64
C PHE A 279 -11.68 -3.83 -22.46
N ASP A 280 -10.79 -3.26 -23.27
CA ASP A 280 -11.19 -2.21 -24.19
C ASP A 280 -12.04 -2.80 -25.32
N PRO A 281 -12.94 -2.01 -25.91
CA PRO A 281 -13.56 -2.45 -27.17
C PRO A 281 -12.57 -2.65 -28.30
N ARG A 282 -11.50 -1.87 -28.33
CA ARG A 282 -10.40 -2.11 -29.25
C ARG A 282 -9.69 -3.38 -28.83
N ALA A 283 -9.92 -4.47 -29.58
CA ALA A 283 -9.54 -5.81 -29.18
C ALA A 283 -8.03 -6.01 -29.28
N HIS A 284 -7.27 -5.36 -28.41
CA HIS A 284 -5.82 -5.50 -28.41
C HIS A 284 -5.21 -5.58 -27.02
N GLN A 285 -5.91 -5.18 -25.96
CA GLN A 285 -5.29 -5.05 -24.65
C GLN A 285 -6.34 -5.15 -23.55
N PHE A 286 -5.98 -5.80 -22.45
CA PHE A 286 -6.61 -5.56 -21.18
C PHE A 286 -5.97 -4.32 -20.56
N LYS A 287 -6.69 -3.68 -19.66
CA LYS A 287 -6.14 -2.50 -19.01
C LYS A 287 -6.54 -2.46 -17.55
N ALA A 288 -5.66 -1.87 -16.74
CA ALA A 288 -5.91 -1.72 -15.32
C ALA A 288 -6.65 -0.43 -15.04
N LYS A 289 -7.35 -0.42 -13.90
CA LYS A 289 -8.06 0.76 -13.45
C LYS A 289 -8.16 0.65 -11.94
N PRO A 290 -8.35 1.76 -11.23
CA PRO A 290 -8.62 1.64 -9.80
C PRO A 290 -9.99 1.01 -9.57
N HIS A 291 -10.01 -0.05 -8.76
CA HIS A 291 -11.25 -0.76 -8.49
C HIS A 291 -12.18 0.09 -7.65
N ALA A 292 -13.47 -0.24 -7.71
CA ALA A 292 -14.50 0.58 -7.08
C ALA A 292 -14.38 0.62 -5.57
N LYS A 293 -13.79 -0.40 -4.95
CA LYS A 293 -13.48 -0.32 -3.53
C LYS A 293 -12.38 0.69 -3.26
N SER A 294 -11.37 0.77 -4.13
CA SER A 294 -10.30 1.75 -3.94
C SER A 294 -10.79 3.17 -4.19
N VAL A 295 -11.66 3.34 -5.20
CA VAL A 295 -12.27 4.64 -5.45
C VAL A 295 -13.17 5.03 -4.29
N ALA A 296 -13.86 4.07 -3.69
CA ALA A 296 -14.69 4.35 -2.52
C ALA A 296 -13.83 4.75 -1.31
N LYS A 297 -12.68 4.11 -1.14
CA LYS A 297 -11.75 4.50 -0.07
C LYS A 297 -11.23 5.92 -0.27
N PHE A 298 -10.89 6.27 -1.52
CA PHE A 298 -10.43 7.62 -1.81
C PHE A 298 -11.54 8.65 -1.59
N LYS A 299 -12.77 8.31 -1.98
CA LYS A 299 -13.87 9.24 -1.83
C LYS A 299 -14.21 9.45 -0.36
N LYS A 300 -14.13 8.39 0.45
CA LYS A 300 -14.34 8.52 1.88
C LYS A 300 -13.28 9.39 2.52
N ARG A 301 -12.01 9.20 2.14
CA ARG A 301 -10.94 10.02 2.70
C ARG A 301 -11.04 11.47 2.25
N MET A 302 -11.45 11.72 1.01
CA MET A 302 -11.61 13.08 0.54
C MET A 302 -12.79 13.77 1.22
N LYS A 303 -13.87 13.04 1.47
CA LYS A 303 -14.99 13.61 2.21
C LYS A 303 -14.63 13.88 3.66
N GLU A 304 -13.69 13.12 4.23
CA GLU A 304 -13.22 13.45 5.58
C GLU A 304 -12.31 14.66 5.57
N LEU A 305 -11.51 14.84 4.52
CA LEU A 305 -10.61 15.99 4.48
C LEU A 305 -11.35 17.28 4.21
N THR A 306 -12.33 17.25 3.31
CA THR A 306 -13.13 18.43 2.99
C THR A 306 -14.45 18.45 3.73
N CYS A 307 -14.46 18.03 4.99
CA CYS A 307 -15.66 18.18 5.81
C CYS A 307 -15.94 19.65 6.03
N ARG A 308 -17.22 20.02 6.07
CA ARG A 308 -17.61 21.42 6.10
C ARG A 308 -17.31 22.05 7.44
N SER A 309 -17.30 21.25 8.51
CA SER A 309 -17.25 21.80 9.87
C SER A 309 -15.89 21.64 10.54
N TRP A 310 -14.85 21.26 9.81
CA TRP A 310 -13.50 21.35 10.34
C TRP A 310 -13.13 22.80 10.64
N GLY A 311 -12.56 23.01 11.81
CA GLY A 311 -12.16 24.34 12.23
C GLY A 311 -10.82 24.80 11.71
N VAL A 312 -10.16 24.00 10.89
CA VAL A 312 -8.88 24.39 10.34
C VAL A 312 -9.12 25.32 9.17
N SER A 313 -8.06 25.98 8.69
CA SER A 313 -8.16 26.84 7.53
C SER A 313 -8.31 26.00 6.27
N ASN A 314 -8.84 26.61 5.22
CA ASN A 314 -8.99 25.89 3.96
C ASN A 314 -7.65 25.61 3.29
N SER A 315 -6.61 26.35 3.63
CA SER A 315 -5.27 26.02 3.16
C SER A 315 -4.80 24.69 3.72
N TYR A 316 -5.18 24.37 4.96
CA TYR A 316 -4.81 23.10 5.55
C TYR A 316 -5.57 21.94 4.90
N LYS A 317 -6.87 22.14 4.63
CA LYS A 317 -7.65 21.13 3.92
C LYS A 317 -7.11 20.91 2.52
N VAL A 318 -6.73 21.99 1.84
CA VAL A 318 -6.16 21.89 0.50
C VAL A 318 -4.80 21.18 0.54
N GLU A 319 -3.99 21.41 1.57
CA GLU A 319 -2.70 20.72 1.67
C GLU A 319 -2.87 19.24 1.95
N LYS A 320 -3.79 18.87 2.84
CA LYS A 320 -4.08 17.46 3.07
C LYS A 320 -4.67 16.79 1.83
N LEU A 321 -5.52 17.52 1.09
CA LEU A 321 -6.03 17.03 -0.18
C LEU A 321 -4.91 16.83 -1.19
N ASN A 322 -3.93 17.73 -1.21
CA ASN A 322 -2.84 17.61 -2.16
C ASN A 322 -1.97 16.40 -1.84
N GLN A 323 -1.74 16.14 -0.54
CA GLN A 323 -1.01 14.95 -0.14
C GLN A 323 -1.76 13.68 -0.52
N LEU A 324 -3.06 13.65 -0.28
CA LEU A 324 -3.86 12.46 -0.61
C LEU A 324 -3.95 12.24 -2.11
N ILE A 325 -4.11 13.32 -2.88
CA ILE A 325 -4.19 13.23 -4.34
C ILE A 325 -2.87 12.75 -4.91
N ARG A 326 -1.76 13.28 -4.40
CA ARG A 326 -0.44 12.88 -4.86
C ARG A 326 -0.17 11.41 -4.56
N GLY A 327 -0.55 10.96 -3.36
CA GLY A 327 -0.38 9.55 -3.02
C GLY A 327 -1.25 8.62 -3.84
N TRP A 328 -2.51 9.00 -4.06
CA TRP A 328 -3.44 8.15 -4.79
C TRP A 328 -3.05 8.04 -6.26
N ILE A 329 -2.69 9.17 -6.89
CA ILE A 329 -2.25 9.09 -8.28
C ILE A 329 -0.90 8.40 -8.38
N ASN A 330 0.03 8.63 -7.45
CA ASN A 330 1.34 7.98 -7.51
C ASN A 330 1.25 6.47 -7.35
N TYR A 331 0.26 5.97 -6.60
CA TYR A 331 0.06 4.53 -6.58
C TYR A 331 -0.58 4.04 -7.87
N PHE A 332 -1.60 4.73 -8.37
CA PHE A 332 -2.50 4.14 -9.35
C PHE A 332 -2.23 4.54 -10.79
N LYS A 333 -1.20 5.37 -11.06
CA LYS A 333 -1.06 6.08 -12.33
C LYS A 333 -0.89 5.20 -13.55
N ILE A 334 -0.61 3.90 -13.38
CA ILE A 334 -0.53 3.00 -14.53
C ILE A 334 -1.90 2.56 -15.00
N GLY A 335 -2.96 2.89 -14.27
CA GLY A 335 -4.30 2.62 -14.72
C GLY A 335 -4.79 3.68 -15.69
N SER A 336 -6.09 3.65 -15.93
CA SER A 336 -6.76 4.60 -16.81
C SER A 336 -7.99 5.12 -16.06
N MET A 337 -7.89 6.35 -15.57
CA MET A 337 -8.92 6.93 -14.71
C MET A 337 -9.25 8.35 -15.14
N LYS A 338 -9.08 8.66 -16.43
CA LYS A 338 -9.17 10.04 -16.91
C LYS A 338 -10.56 10.63 -16.69
N THR A 339 -11.60 9.86 -17.04
CA THR A 339 -12.97 10.21 -16.73
C THR A 339 -13.20 10.25 -15.22
N LEU A 340 -12.66 9.27 -14.50
CA LEU A 340 -12.76 9.23 -13.05
C LEU A 340 -12.04 10.39 -12.39
N CYS A 341 -10.89 10.80 -12.93
CA CYS A 341 -10.20 11.96 -12.39
C CYS A 341 -10.94 13.26 -12.69
N LYS A 342 -11.62 13.36 -13.83
CA LYS A 342 -12.47 14.52 -14.10
C LYS A 342 -13.61 14.61 -13.08
N GLU A 343 -14.30 13.49 -12.84
CA GLU A 343 -15.42 13.49 -11.90
C GLU A 343 -14.95 13.76 -10.48
N LEU A 344 -13.84 13.15 -10.07
CA LEU A 344 -13.33 13.35 -8.72
C LEU A 344 -12.79 14.75 -8.53
N ASP A 345 -12.25 15.37 -9.59
CA ASP A 345 -11.81 16.75 -9.50
C ASP A 345 -12.99 17.71 -9.34
N SER A 346 -14.07 17.47 -10.08
CA SER A 346 -15.28 18.28 -9.92
C SER A 346 -15.87 18.12 -8.53
N ARG A 347 -15.85 16.89 -8.01
N ARG A 347 -15.86 16.90 -7.99
CA ARG A 347 -16.36 16.62 -6.67
CA ARG A 347 -16.39 16.68 -6.65
C ARG A 347 -15.52 17.31 -5.60
C ARG A 347 -15.53 17.33 -5.58
N ILE A 348 -14.20 17.27 -5.75
CA ILE A 348 -13.29 17.91 -4.80
C ILE A 348 -13.46 19.42 -4.80
N ARG A 349 -13.61 20.00 -5.99
CA ARG A 349 -13.84 21.44 -6.11
C ARG A 349 -15.18 21.84 -5.50
N TYR A 350 -16.21 21.01 -5.67
CA TYR A 350 -17.52 21.31 -5.09
C TYR A 350 -17.49 21.26 -3.57
N ARG A 351 -16.82 20.25 -3.00
CA ARG A 351 -16.71 20.19 -1.54
C ARG A 351 -15.85 21.34 -1.01
N LEU A 352 -14.88 21.80 -1.79
CA LEU A 352 -14.08 22.94 -1.35
C LEU A 352 -14.86 24.25 -1.43
N ARG A 353 -15.77 24.37 -2.39
CA ARG A 353 -16.67 25.52 -2.40
C ARG A 353 -17.54 25.53 -1.16
N MET A 354 -18.01 24.36 -0.71
CA MET A 354 -18.76 24.32 0.54
C MET A 354 -17.91 24.69 1.74
N CYS A 355 -16.66 24.22 1.80
CA CYS A 355 -15.79 24.55 2.93
C CYS A 355 -15.50 26.04 3.00
N ILE A 356 -15.22 26.66 1.84
CA ILE A 356 -14.93 28.09 1.80
C ILE A 356 -16.19 28.90 2.11
N TRP A 357 -17.34 28.46 1.61
CA TRP A 357 -18.58 29.18 1.87
C TRP A 357 -19.04 29.04 3.33
N LYS A 358 -18.77 27.90 3.95
CA LYS A 358 -19.13 27.71 5.35
C LYS A 358 -18.18 28.42 6.28
N GLN A 359 -16.90 28.57 5.90
N GLN A 359 -16.90 28.58 5.92
CA GLN A 359 -15.94 29.29 6.75
CA GLN A 359 -15.99 29.28 6.81
C GLN A 359 -16.26 30.77 6.81
C GLN A 359 -16.22 30.79 6.80
N TRP A 360 -16.92 31.30 5.78
CA TRP A 360 -17.31 32.71 5.76
C TRP A 360 -18.41 32.96 6.79
N LYS A 361 -19.38 32.05 6.87
CA LYS A 361 -20.22 31.74 8.03
C LYS A 361 -21.29 32.79 8.32
N THR A 362 -21.23 33.96 7.72
CA THR A 362 -22.19 35.02 8.03
C THR A 362 -22.61 35.69 6.72
N PRO A 363 -23.91 35.97 6.52
CA PRO A 363 -24.34 36.56 5.24
C PRO A 363 -23.73 37.91 4.90
N GLN A 364 -23.40 38.73 5.89
CA GLN A 364 -22.67 39.96 5.61
C GLN A 364 -21.26 39.67 5.12
N ASN A 365 -20.58 38.71 5.76
CA ASN A 365 -19.25 38.32 5.34
C ASN A 365 -19.25 37.59 4.00
N GLN A 366 -20.28 36.77 3.75
CA GLN A 366 -20.40 36.11 2.45
C GLN A 366 -20.66 37.12 1.34
N GLU A 367 -21.48 38.14 1.62
CA GLU A 367 -21.72 39.19 0.62
C GLU A 367 -20.46 39.99 0.36
N LYS A 368 -19.71 40.33 1.42
CA LYS A 368 -18.46 41.07 1.28
C LYS A 368 -17.43 40.30 0.47
N ASN A 369 -17.30 38.99 0.74
CA ASN A 369 -16.34 38.19 0.00
C ASN A 369 -16.79 37.89 -1.43
N LEU A 370 -18.10 37.80 -1.67
CA LEU A 370 -18.56 37.60 -3.04
C LEU A 370 -18.40 38.88 -3.87
N VAL A 371 -18.53 40.05 -3.25
CA VAL A 371 -18.23 41.30 -3.96
C VAL A 371 -16.73 41.41 -4.22
N LYS A 372 -15.90 41.03 -3.24
CA LYS A 372 -14.45 41.13 -3.39
C LYS A 372 -13.92 40.17 -4.46
N LEU A 373 -14.48 38.96 -4.53
CA LEU A 373 -14.03 38.01 -5.55
C LEU A 373 -14.50 38.37 -6.96
N GLY A 374 -15.55 39.17 -7.10
CA GLY A 374 -15.89 39.66 -8.42
C GLY A 374 -17.37 39.71 -8.77
N ILE A 375 -18.20 38.97 -8.02
CA ILE A 375 -19.62 38.93 -8.31
C ILE A 375 -20.26 40.24 -7.85
N ASP A 376 -21.10 40.81 -8.72
CA ASP A 376 -21.70 42.11 -8.49
C ASP A 376 -22.59 42.10 -7.25
N ARG A 377 -22.63 43.26 -6.57
CA ARG A 377 -23.23 43.37 -5.24
C ARG A 377 -24.73 43.11 -5.24
N ASN A 378 -25.41 43.52 -6.31
CA ASN A 378 -26.85 43.34 -6.43
C ASN A 378 -27.25 41.88 -6.51
N THR A 379 -26.33 41.02 -6.96
CA THR A 379 -26.50 39.57 -6.97
C THR A 379 -25.79 38.89 -5.82
N ALA A 380 -24.65 39.45 -5.37
CA ALA A 380 -23.89 38.89 -4.26
C ALA A 380 -24.68 38.91 -2.96
N ARG A 381 -25.43 39.99 -2.72
CA ARG A 381 -26.27 40.06 -1.53
C ARG A 381 -27.39 39.03 -1.59
N ARG A 382 -27.93 38.79 -2.79
N ARG A 382 -27.94 38.79 -2.79
CA ARG A 382 -29.01 37.82 -2.95
CA ARG A 382 -29.01 37.83 -2.97
C ARG A 382 -28.53 36.40 -2.75
C ARG A 382 -28.53 36.40 -2.74
N VAL A 383 -27.32 36.08 -3.23
CA VAL A 383 -26.76 34.76 -2.99
C VAL A 383 -26.33 34.60 -1.55
N ALA A 384 -25.82 35.66 -0.93
CA ALA A 384 -25.33 35.55 0.44
C ALA A 384 -26.47 35.43 1.44
N TYR A 385 -27.62 36.03 1.15
CA TYR A 385 -28.73 35.86 2.07
C TYR A 385 -29.48 34.57 1.83
N THR A 386 -29.05 33.78 0.86
CA THR A 386 -29.19 32.33 0.90
C THR A 386 -27.98 31.73 1.63
N GLY A 387 -27.81 32.12 2.89
CA GLY A 387 -26.68 31.73 3.70
C GLY A 387 -26.69 30.26 4.07
N LYS A 388 -27.89 29.75 4.34
CA LYS A 388 -28.14 28.32 4.42
C LYS A 388 -28.31 27.81 3.00
N ARG A 389 -28.82 26.58 2.84
CA ARG A 389 -28.88 25.89 1.55
C ARG A 389 -27.49 25.82 0.91
N ILE A 390 -26.50 25.37 1.69
CA ILE A 390 -25.08 25.50 1.33
C ILE A 390 -24.77 24.70 0.07
N ALA A 391 -25.29 23.48 -0.04
CA ALA A 391 -25.05 22.66 -1.22
C ALA A 391 -25.73 23.25 -2.45
N TYR A 392 -26.86 23.92 -2.25
CA TYR A 392 -27.58 24.50 -3.37
C TYR A 392 -26.84 25.71 -3.94
N VAL A 393 -26.32 26.58 -3.09
CA VAL A 393 -25.64 27.76 -3.61
C VAL A 393 -24.25 27.42 -4.10
N CYS A 394 -23.60 26.43 -3.48
CA CYS A 394 -22.28 26.04 -3.97
C CYS A 394 -22.34 25.10 -5.17
N ASN A 395 -23.53 24.60 -5.51
CA ASN A 395 -23.66 23.74 -6.68
C ASN A 395 -23.43 24.50 -7.97
N LYS A 396 -23.94 25.73 -8.06
CA LYS A 396 -23.99 26.46 -9.31
C LYS A 396 -24.10 27.94 -9.04
N GLY A 397 -23.91 28.73 -10.09
CA GLY A 397 -24.25 30.13 -10.02
C GLY A 397 -23.09 31.03 -9.65
N ALA A 398 -23.38 31.96 -8.74
CA ALA A 398 -22.43 32.98 -8.35
C ALA A 398 -21.25 32.41 -7.57
N VAL A 399 -21.49 31.38 -6.76
CA VAL A 399 -20.38 30.74 -6.04
C VAL A 399 -19.55 29.87 -6.96
N ASN A 400 -20.12 29.34 -8.04
CA ASN A 400 -19.32 28.69 -9.06
C ASN A 400 -18.43 29.67 -9.80
N VAL A 401 -18.89 30.91 -9.97
CA VAL A 401 -18.15 31.92 -10.71
C VAL A 401 -17.07 32.57 -9.86
N ALA A 402 -17.38 32.89 -8.60
CA ALA A 402 -16.40 33.51 -7.73
C ALA A 402 -15.29 32.54 -7.35
N ILE A 403 -15.65 31.42 -6.72
CA ILE A 403 -14.68 30.38 -6.39
C ILE A 403 -14.66 29.46 -7.61
N SER A 404 -13.90 29.85 -8.63
CA SER A 404 -13.87 29.11 -9.87
C SER A 404 -12.89 27.96 -9.78
N ASN A 405 -12.68 27.28 -10.90
CA ASN A 405 -11.61 26.30 -11.00
C ASN A 405 -10.26 26.97 -10.90
N LYS A 406 -10.14 28.14 -11.53
CA LYS A 406 -8.86 28.85 -11.58
C LYS A 406 -8.48 29.44 -10.23
N ARG A 407 -9.46 29.91 -9.45
N ARG A 407 -9.46 29.91 -9.45
CA ARG A 407 -9.17 30.43 -8.12
CA ARG A 407 -9.18 30.43 -8.12
C ARG A 407 -8.73 29.32 -7.18
C ARG A 407 -8.73 29.33 -7.18
N LEU A 408 -9.35 28.15 -7.28
CA LEU A 408 -8.93 27.02 -6.46
C LEU A 408 -7.58 26.48 -6.92
N ALA A 409 -7.28 26.57 -8.22
CA ALA A 409 -5.97 26.16 -8.70
C ALA A 409 -4.88 27.12 -8.24
N SER A 410 -5.20 28.41 -8.17
CA SER A 410 -4.26 29.37 -7.60
C SER A 410 -4.16 29.22 -6.09
N PHE A 411 -5.21 28.69 -5.45
CA PHE A 411 -5.23 28.45 -4.02
C PHE A 411 -4.31 27.31 -3.59
N GLY A 412 -3.83 26.51 -4.53
CA GLY A 412 -2.97 25.39 -4.22
C GLY A 412 -3.60 24.03 -4.38
N LEU A 413 -4.85 23.96 -4.82
CA LEU A 413 -5.50 22.69 -5.09
C LEU A 413 -4.98 22.17 -6.41
N ILE A 414 -4.17 21.12 -6.36
CA ILE A 414 -3.72 20.48 -7.59
C ILE A 414 -4.88 19.70 -8.18
N SER A 415 -5.06 19.83 -9.48
CA SER A 415 -6.14 19.12 -10.14
C SER A 415 -5.73 17.66 -10.30
N MET A 416 -6.69 16.76 -10.13
CA MET A 416 -6.41 15.34 -10.31
C MET A 416 -6.12 15.03 -11.78
N LEU A 417 -6.77 15.74 -12.70
CA LEU A 417 -6.67 15.42 -14.11
C LEU A 417 -5.30 15.78 -14.67
N ASP A 418 -4.82 17.00 -14.43
CA ASP A 418 -3.52 17.38 -14.99
C ASP A 418 -2.37 16.73 -14.23
N TYR A 419 -2.55 16.45 -12.94
CA TYR A 419 -1.51 15.69 -12.23
C TYR A 419 -1.44 14.26 -12.75
N TYR A 420 -2.58 13.66 -13.07
CA TYR A 420 -2.56 12.34 -13.68
C TYR A 420 -1.97 12.38 -15.08
N ILE A 421 -2.21 13.47 -15.82
CA ILE A 421 -1.66 13.60 -17.17
C ILE A 421 -0.14 13.73 -17.12
N GLU A 422 0.37 14.53 -16.19
CA GLU A 422 1.83 14.67 -16.05
C GLU A 422 2.46 13.38 -15.53
N LYS A 423 1.78 12.66 -14.64
CA LYS A 423 2.37 11.48 -14.02
C LYS A 423 2.05 10.18 -14.74
N CYS A 424 1.35 10.22 -15.88
CA CYS A 424 1.11 9.02 -16.66
C CYS A 424 2.32 8.75 -17.56
N VAL A 425 2.14 7.89 -18.55
CA VAL A 425 3.16 7.59 -19.55
C VAL A 425 3.50 8.84 -20.37
#